data_2FXZ
#
_entry.id   2FXZ
#
_entity_poly.entity_id   1
_entity_poly.type   'polypeptide(L)'
_entity_poly.pdbx_seq_one_letter_code
;KMVNEALVRQGLA
;
_entity_poly.pdbx_strand_id   A
#
# COMPACT_ATOMS: atom_id res chain seq x y z
N LYS A 1 -4.66 -6.51 7.56
CA LYS A 1 -4.29 -5.23 6.89
C LYS A 1 -3.02 -4.66 7.49
N MET A 2 -2.26 -3.92 6.68
CA MET A 2 -1.02 -3.31 7.13
C MET A 2 -0.61 -2.18 6.21
N VAL A 3 0.22 -1.27 6.73
CA VAL A 3 0.69 -0.13 5.94
C VAL A 3 1.46 -0.59 4.71
N ASN A 4 2.12 -1.73 4.82
CA ASN A 4 2.89 -2.29 3.71
C ASN A 4 1.99 -2.56 2.51
N GLU A 5 0.73 -2.89 2.78
CA GLU A 5 -0.22 -3.18 1.71
C GLU A 5 -1.00 -1.92 1.32
N ALA A 6 -1.16 -1.01 2.28
CA ALA A 6 -1.87 0.23 2.02
C ALA A 6 -1.00 1.26 1.32
N LEU A 7 0.26 0.89 1.09
CA LEU A 7 1.19 1.79 0.41
C LEU A 7 1.27 1.43 -1.07
N VAL A 8 1.16 0.13 -1.36
CA VAL A 8 1.21 -0.35 -2.73
C VAL A 8 -0.06 0.05 -3.47
N ARG A 9 -1.15 0.15 -2.73
CA ARG A 9 -2.43 0.53 -3.31
C ARG A 9 -2.37 1.93 -3.91
N GLN A 10 -1.52 2.78 -3.34
CA GLN A 10 -1.38 4.15 -3.83
C GLN A 10 0.02 4.39 -4.37
N GLY A 11 0.99 4.35 -3.46
CA GLY A 11 2.36 4.59 -3.84
C GLY A 11 2.80 3.80 -5.05
N LEU A 12 2.55 2.49 -5.02
CA LEU A 12 2.93 1.63 -6.14
C LEU A 12 1.92 1.71 -7.27
N ALA A 13 0.66 1.99 -6.92
CA ALA A 13 -0.39 2.10 -7.91
C ALA A 13 -0.09 3.21 -8.91
N LYS A 1 -5.49 -4.53 6.56
CA LYS A 1 -4.20 -5.01 5.97
C LYS A 1 -3.01 -4.28 6.60
N MET A 2 -1.81 -4.78 6.31
CA MET A 2 -0.59 -4.19 6.85
C MET A 2 -0.39 -2.78 6.31
N VAL A 3 0.36 -1.97 7.04
CA VAL A 3 0.63 -0.59 6.63
C VAL A 3 1.34 -0.55 5.28
N ASN A 4 2.15 -1.56 5.01
CA ASN A 4 2.89 -1.63 3.76
C ASN A 4 1.95 -1.93 2.60
N GLU A 5 0.90 -2.70 2.87
CA GLU A 5 -0.06 -3.06 1.84
C GLU A 5 -0.87 -1.84 1.40
N ALA A 6 -1.08 -0.91 2.33
CA ALA A 6 -1.83 0.30 2.03
C ALA A 6 -0.97 1.33 1.32
N LEU A 7 0.30 1.02 1.12
CA LEU A 7 1.21 1.91 0.43
C LEU A 7 1.33 1.52 -1.03
N VAL A 8 1.27 0.22 -1.29
CA VAL A 8 1.35 -0.30 -2.65
C VAL A 8 0.08 0.04 -3.43
N ARG A 9 -1.03 0.14 -2.70
CA ARG A 9 -2.31 0.46 -3.31
C ARG A 9 -2.28 1.84 -3.95
N GLN A 10 -1.52 2.74 -3.35
CA GLN A 10 -1.41 4.11 -3.86
C GLN A 10 -0.03 4.37 -4.44
N GLY A 11 0.97 4.35 -3.58
CA GLY A 11 2.32 4.62 -3.99
C GLY A 11 2.73 3.80 -5.22
N LEU A 12 2.58 2.49 -5.13
CA LEU A 12 2.94 1.61 -6.24
C LEU A 12 1.80 1.51 -7.25
N ALA A 13 0.57 1.63 -6.76
CA ALA A 13 -0.61 1.56 -7.62
C ALA A 13 -1.29 2.91 -7.74
N LYS A 1 -5.01 -5.16 8.59
CA LYS A 1 -4.16 -6.04 7.73
C LYS A 1 -2.69 -5.67 7.84
N MET A 2 -2.34 -4.53 7.27
CA MET A 2 -0.96 -4.05 7.30
C MET A 2 -0.88 -2.60 6.83
N VAL A 3 0.33 -2.06 6.80
CA VAL A 3 0.55 -0.68 6.36
C VAL A 3 1.22 -0.65 4.98
N ASN A 4 2.06 -1.64 4.71
CA ASN A 4 2.75 -1.72 3.44
C ASN A 4 1.78 -1.96 2.29
N GLU A 5 0.71 -2.69 2.57
CA GLU A 5 -0.30 -2.99 1.58
C GLU A 5 -1.06 -1.73 1.16
N ALA A 6 -1.19 -0.80 2.09
CA ALA A 6 -1.88 0.46 1.82
C ALA A 6 -0.99 1.45 1.09
N LEU A 7 0.26 1.07 0.86
CA LEU A 7 1.20 1.92 0.16
C LEU A 7 1.28 1.52 -1.31
N VAL A 8 1.15 0.23 -1.57
CA VAL A 8 1.17 -0.29 -2.93
C VAL A 8 -0.09 0.12 -3.67
N ARG A 9 -1.18 0.25 -2.93
CA ARG A 9 -2.46 0.62 -3.51
C ARG A 9 -2.39 2.01 -4.15
N GLN A 10 -1.48 2.84 -3.65
CA GLN A 10 -1.32 4.20 -4.18
C GLN A 10 0.12 4.47 -4.58
N GLY A 11 0.99 4.51 -3.57
CA GLY A 11 2.38 4.79 -3.81
C GLY A 11 2.97 3.97 -4.96
N LEU A 12 2.62 2.69 -5.02
CA LEU A 12 3.11 1.81 -6.06
C LEU A 12 2.12 1.70 -7.22
N ALA A 13 0.84 1.81 -6.89
CA ALA A 13 -0.22 1.73 -7.89
C ALA A 13 -0.13 2.90 -8.87
N LYS A 1 -4.93 -6.80 7.30
CA LYS A 1 -4.18 -5.84 6.45
C LYS A 1 -2.88 -5.39 7.11
N MET A 2 -2.33 -4.29 6.62
CA MET A 2 -1.09 -3.75 7.16
C MET A 2 -0.82 -2.35 6.63
N VAL A 3 0.32 -1.78 7.02
CA VAL A 3 0.69 -0.43 6.59
C VAL A 3 1.36 -0.47 5.21
N ASN A 4 2.09 -1.54 4.94
CA ASN A 4 2.77 -1.69 3.67
C ASN A 4 1.79 -1.91 2.53
N GLU A 5 0.68 -2.59 2.84
CA GLU A 5 -0.35 -2.85 1.84
C GLU A 5 -1.05 -1.58 1.41
N ALA A 6 -1.13 -0.61 2.32
CA ALA A 6 -1.77 0.67 2.02
C ALA A 6 -0.83 1.60 1.27
N LEU A 7 0.39 1.15 1.03
CA LEU A 7 1.37 1.94 0.31
C LEU A 7 1.42 1.52 -1.15
N VAL A 8 1.21 0.22 -1.38
CA VAL A 8 1.21 -0.33 -2.73
C VAL A 8 -0.04 0.13 -3.48
N ARG A 9 -1.11 0.35 -2.73
CA ARG A 9 -2.37 0.78 -3.30
C ARG A 9 -2.23 2.15 -3.97
N GLN A 10 -1.34 2.97 -3.43
CA GLN A 10 -1.11 4.31 -3.96
C GLN A 10 0.27 4.43 -4.58
N GLY A 11 1.29 4.33 -3.73
CA GLY A 11 2.65 4.45 -4.19
C GLY A 11 2.95 3.58 -5.40
N LEU A 12 2.66 2.29 -5.29
CA LEU A 12 2.90 1.35 -6.38
C LEU A 12 1.77 1.39 -7.39
N ALA A 13 0.55 1.63 -6.91
CA ALA A 13 -0.62 1.69 -7.77
C ALA A 13 -1.20 3.10 -7.82
N LYS A 1 -5.03 -4.65 7.15
CA LYS A 1 -4.18 -5.85 6.93
C LYS A 1 -2.71 -5.54 7.22
N MET A 2 -2.20 -4.49 6.60
CA MET A 2 -0.80 -4.08 6.79
C MET A 2 -0.56 -2.68 6.25
N VAL A 3 0.20 -1.90 6.98
CA VAL A 3 0.51 -0.53 6.57
C VAL A 3 1.23 -0.50 5.23
N ASN A 4 2.02 -1.53 4.98
CA ASN A 4 2.77 -1.63 3.72
C ASN A 4 1.83 -1.90 2.55
N GLU A 5 0.77 -2.66 2.82
CA GLU A 5 -0.21 -2.99 1.79
C GLU A 5 -0.97 -1.74 1.33
N ALA A 6 -1.17 -0.81 2.26
CA ALA A 6 -1.87 0.43 1.95
C ALA A 6 -0.97 1.43 1.24
N LEU A 7 0.29 1.07 1.05
CA LEU A 7 1.25 1.93 0.37
C LEU A 7 1.37 1.53 -1.09
N VAL A 8 1.25 0.23 -1.34
CA VAL A 8 1.34 -0.30 -2.70
C VAL A 8 0.09 0.08 -3.49
N ARG A 9 -1.02 0.22 -2.78
CA ARG A 9 -2.28 0.58 -3.40
C ARG A 9 -2.20 1.96 -4.05
N GLN A 10 -1.45 2.86 -3.42
CA GLN A 10 -1.29 4.22 -3.94
C GLN A 10 0.09 4.42 -4.53
N GLY A 11 1.09 4.39 -3.67
CA GLY A 11 2.45 4.59 -4.11
C GLY A 11 2.82 3.75 -5.32
N LEU A 12 2.66 2.44 -5.20
CA LEU A 12 2.98 1.53 -6.28
C LEU A 12 1.85 1.50 -7.32
N ALA A 13 0.63 1.70 -6.85
CA ALA A 13 -0.53 1.69 -7.73
C ALA A 13 -1.12 3.09 -7.89
N LYS A 1 -5.40 -4.54 6.39
CA LYS A 1 -4.08 -5.12 6.01
C LYS A 1 -2.93 -4.37 6.66
N MET A 2 -1.71 -4.80 6.38
CA MET A 2 -0.52 -4.17 6.94
C MET A 2 -0.33 -2.76 6.38
N VAL A 3 0.44 -1.94 7.08
CA VAL A 3 0.70 -0.57 6.65
C VAL A 3 1.36 -0.54 5.28
N ASN A 4 2.17 -1.56 5.00
CA ASN A 4 2.87 -1.65 3.73
C ASN A 4 1.89 -1.94 2.59
N GLU A 5 0.84 -2.69 2.89
CA GLU A 5 -0.17 -3.03 1.90
C GLU A 5 -0.95 -1.80 1.47
N ALA A 6 -1.11 -0.85 2.39
CA ALA A 6 -1.84 0.38 2.11
C ALA A 6 -0.97 1.39 1.36
N LEU A 7 0.29 1.02 1.12
CA LEU A 7 1.20 1.89 0.40
C LEU A 7 1.28 1.48 -1.06
N VAL A 8 1.17 0.17 -1.30
CA VAL A 8 1.20 -0.36 -2.66
C VAL A 8 -0.08 0.00 -3.40
N ARG A 9 -1.15 0.13 -2.65
CA ARG A 9 -2.45 0.47 -3.22
C ARG A 9 -2.40 1.84 -3.88
N GLN A 10 -1.56 2.72 -3.36
CA GLN A 10 -1.43 4.07 -3.89
C GLN A 10 -0.04 4.32 -4.44
N GLY A 11 0.94 4.31 -3.54
CA GLY A 11 2.31 4.56 -3.94
C GLY A 11 2.74 3.72 -5.13
N LEU A 12 2.51 2.41 -5.06
CA LEU A 12 2.88 1.51 -6.14
C LEU A 12 1.83 1.51 -7.25
N ALA A 13 0.58 1.74 -6.86
CA ALA A 13 -0.52 1.76 -7.82
C ALA A 13 -0.66 3.14 -8.46
N LYS A 1 -5.43 -4.67 6.22
CA LYS A 1 -4.02 -5.13 6.17
C LYS A 1 -3.09 -4.14 6.89
N MET A 2 -1.80 -4.22 6.58
CA MET A 2 -0.82 -3.34 7.19
C MET A 2 -0.46 -2.19 6.25
N VAL A 3 0.43 -1.32 6.72
CA VAL A 3 0.87 -0.18 5.92
C VAL A 3 1.61 -0.64 4.66
N ASN A 4 2.30 -1.76 4.77
CA ASN A 4 3.05 -2.30 3.65
C ASN A 4 2.13 -2.60 2.46
N GLU A 5 0.88 -2.96 2.77
CA GLU A 5 -0.11 -3.26 1.73
C GLU A 5 -0.90 -2.02 1.36
N ALA A 6 -1.06 -1.11 2.32
CA ALA A 6 -1.81 0.12 2.08
C ALA A 6 -0.97 1.17 1.35
N LEU A 7 0.28 0.83 1.08
CA LEU A 7 1.18 1.73 0.37
C LEU A 7 1.24 1.37 -1.10
N VAL A 8 1.14 0.07 -1.38
CA VAL A 8 1.16 -0.41 -2.75
C VAL A 8 -0.14 -0.06 -3.46
N ARG A 9 -1.22 0.04 -2.68
CA ARG A 9 -2.51 0.37 -3.22
C ARG A 9 -2.52 1.77 -3.84
N GLN A 10 -1.64 2.64 -3.35
CA GLN A 10 -1.54 4.00 -3.85
C GLN A 10 -0.12 4.34 -4.26
N GLY A 11 0.76 4.39 -3.26
CA GLY A 11 2.14 4.74 -3.52
C GLY A 11 2.74 3.99 -4.69
N LEU A 12 2.44 2.69 -4.78
CA LEU A 12 2.96 1.86 -5.86
C LEU A 12 1.94 1.74 -6.99
N ALA A 13 0.66 1.77 -6.64
CA ALA A 13 -0.41 1.67 -7.63
C ALA A 13 -0.39 2.85 -8.59
N LYS A 1 -4.88 -6.76 7.53
CA LYS A 1 -4.18 -5.80 6.62
C LYS A 1 -2.85 -5.35 7.21
N MET A 2 -2.32 -4.25 6.70
CA MET A 2 -1.04 -3.72 7.18
C MET A 2 -0.79 -2.32 6.61
N VAL A 3 0.36 -1.76 6.93
CA VAL A 3 0.72 -0.43 6.47
C VAL A 3 1.36 -0.48 5.08
N ASN A 4 2.08 -1.57 4.81
CA ASN A 4 2.73 -1.73 3.53
C ASN A 4 1.71 -1.94 2.40
N GLU A 5 0.60 -2.58 2.75
CA GLU A 5 -0.46 -2.83 1.78
C GLU A 5 -1.12 -1.52 1.33
N ALA A 6 -1.15 -0.55 2.23
CA ALA A 6 -1.75 0.75 1.92
C ALA A 6 -0.79 1.64 1.13
N LEU A 7 0.42 1.14 0.89
CA LEU A 7 1.41 1.88 0.14
C LEU A 7 1.42 1.43 -1.31
N VAL A 8 1.16 0.14 -1.51
CA VAL A 8 1.13 -0.43 -2.87
C VAL A 8 -0.12 0.04 -3.59
N ARG A 9 -1.17 0.33 -2.82
CA ARG A 9 -2.43 0.78 -3.40
C ARG A 9 -2.26 2.13 -4.09
N GLN A 10 -1.33 2.94 -3.58
CA GLN A 10 -1.08 4.25 -4.16
C GLN A 10 0.37 4.42 -4.55
N GLY A 11 1.24 4.43 -3.55
CA GLY A 11 2.65 4.60 -3.78
C GLY A 11 3.18 3.71 -4.90
N LEU A 12 2.56 2.55 -5.08
CA LEU A 12 2.97 1.62 -6.13
C LEU A 12 1.90 1.48 -7.20
N ALA A 13 0.65 1.59 -6.81
CA ALA A 13 -0.47 1.48 -7.74
C ALA A 13 -1.54 2.54 -7.46
N LYS A 1 -5.11 -5.71 8.40
CA LYS A 1 -4.53 -4.99 7.24
C LYS A 1 -3.00 -4.92 7.37
N MET A 2 -2.39 -4.03 6.58
CA MET A 2 -0.94 -3.87 6.60
C MET A 2 -0.55 -2.50 6.06
N VAL A 3 0.35 -1.83 6.78
CA VAL A 3 0.81 -0.50 6.38
C VAL A 3 1.53 -0.56 5.03
N ASN A 4 2.19 -1.68 4.77
CA ASN A 4 2.92 -1.84 3.51
C ASN A 4 1.96 -2.13 2.36
N GLU A 5 0.84 -2.80 2.68
CA GLU A 5 -0.15 -3.13 1.67
C GLU A 5 -0.95 -1.90 1.26
N ALA A 6 -1.13 -0.97 2.20
CA ALA A 6 -1.87 0.26 1.93
C ALA A 6 -1.00 1.29 1.21
N LEU A 7 0.26 0.95 0.98
CA LEU A 7 1.17 1.85 0.29
C LEU A 7 1.26 1.47 -1.18
N VAL A 8 1.17 0.17 -1.46
CA VAL A 8 1.22 -0.32 -2.82
C VAL A 8 -0.06 0.04 -3.57
N ARG A 9 -1.15 0.12 -2.83
CA ARG A 9 -2.45 0.46 -3.40
C ARG A 9 -2.43 1.84 -4.02
N GLN A 10 -1.54 2.71 -3.53
CA GLN A 10 -1.43 4.07 -4.04
C GLN A 10 0.00 4.39 -4.44
N GLY A 11 0.87 4.45 -3.45
CA GLY A 11 2.25 4.78 -3.69
C GLY A 11 2.86 4.00 -4.84
N LEU A 12 2.55 2.71 -4.91
CA LEU A 12 3.07 1.86 -5.98
C LEU A 12 2.07 1.73 -7.12
N ALA A 13 0.78 1.79 -6.78
CA ALA A 13 -0.27 1.68 -7.78
C ALA A 13 -0.24 2.85 -8.75
N LYS A 1 -4.50 -4.09 4.25
CA LYS A 1 -4.65 -4.14 5.73
C LYS A 1 -3.50 -3.43 6.42
N MET A 2 -2.32 -4.05 6.39
CA MET A 2 -1.14 -3.48 7.01
C MET A 2 -0.72 -2.19 6.30
N VAL A 3 0.38 -1.59 6.77
CA VAL A 3 0.88 -0.36 6.18
C VAL A 3 1.73 -0.64 4.96
N ASN A 4 2.42 -1.78 4.97
CA ASN A 4 3.27 -2.17 3.85
C ASN A 4 2.44 -2.50 2.62
N GLU A 5 1.24 -3.02 2.85
CA GLU A 5 0.33 -3.38 1.76
C GLU A 5 -0.56 -2.21 1.38
N ALA A 6 -0.85 -1.36 2.35
CA ALA A 6 -1.71 -0.19 2.11
C ALA A 6 -0.93 0.94 1.44
N LEU A 7 0.35 0.73 1.23
CA LEU A 7 1.19 1.74 0.59
C LEU A 7 1.35 1.43 -0.89
N VAL A 8 1.39 0.13 -1.21
CA VAL A 8 1.51 -0.31 -2.59
C VAL A 8 0.22 -0.05 -3.35
N ARG A 9 -0.90 -0.08 -2.62
CA ARG A 9 -2.20 0.14 -3.22
C ARG A 9 -2.30 1.55 -3.81
N GLN A 10 -1.58 2.48 -3.20
CA GLN A 10 -1.59 3.87 -3.67
C GLN A 10 -0.23 4.29 -4.18
N GLY A 11 0.74 4.33 -3.27
CA GLY A 11 2.08 4.75 -3.63
C GLY A 11 2.62 4.01 -4.84
N LEU A 12 2.25 2.74 -4.98
CA LEU A 12 2.70 1.93 -6.10
C LEU A 12 1.58 1.72 -7.12
N ALA A 13 0.34 1.71 -6.64
CA ALA A 13 -0.80 1.53 -7.52
C ALA A 13 -1.61 2.81 -7.64
N LYS A 1 -4.03 -4.86 4.43
CA LYS A 1 -4.17 -4.99 5.91
C LYS A 1 -3.10 -4.18 6.64
N MET A 2 -1.88 -4.66 6.57
CA MET A 2 -0.75 -4.01 7.23
C MET A 2 -0.56 -2.59 6.69
N VAL A 3 0.49 -1.92 7.14
CA VAL A 3 0.78 -0.56 6.70
C VAL A 3 1.43 -0.56 5.32
N ASN A 4 2.21 -1.60 5.04
CA ASN A 4 2.89 -1.72 3.74
C ASN A 4 1.88 -1.98 2.62
N GLU A 5 0.81 -2.70 2.95
CA GLU A 5 -0.23 -3.02 1.97
C GLU A 5 -0.98 -1.76 1.56
N ALA A 6 -1.09 -0.81 2.48
CA ALA A 6 -1.79 0.44 2.19
C ALA A 6 -0.91 1.41 1.42
N LEU A 7 0.33 1.02 1.17
CA LEU A 7 1.25 1.86 0.42
C LEU A 7 1.29 1.44 -1.04
N VAL A 8 1.14 0.14 -1.27
CA VAL A 8 1.14 -0.40 -2.61
C VAL A 8 -0.15 -0.01 -3.34
N ARG A 9 -1.22 0.15 -2.57
CA ARG A 9 -2.50 0.53 -3.12
C ARG A 9 -2.44 1.90 -3.79
N GLN A 10 -1.56 2.75 -3.27
CA GLN A 10 -1.40 4.10 -3.81
C GLN A 10 -0.02 4.30 -4.41
N GLY A 11 0.99 4.26 -3.54
CA GLY A 11 2.34 4.46 -3.98
C GLY A 11 2.72 3.61 -5.18
N LEU A 12 2.46 2.30 -5.09
CA LEU A 12 2.77 1.38 -6.18
C LEU A 12 1.69 1.44 -7.25
N ALA A 13 0.46 1.72 -6.85
CA ALA A 13 -0.66 1.79 -7.79
C ALA A 13 -0.75 3.18 -8.40
N LYS A 1 -5.26 -4.76 7.44
CA LYS A 1 -4.28 -5.87 7.44
C LYS A 1 -2.89 -5.37 7.85
N MET A 2 -2.24 -4.63 6.95
CA MET A 2 -0.92 -4.08 7.23
C MET A 2 -0.82 -2.64 6.76
N VAL A 3 0.36 -2.05 6.91
CA VAL A 3 0.58 -0.68 6.50
C VAL A 3 1.29 -0.60 5.15
N ASN A 4 2.13 -1.58 4.87
CA ASN A 4 2.85 -1.64 3.60
C ASN A 4 1.90 -1.92 2.44
N GLU A 5 0.86 -2.70 2.71
CA GLU A 5 -0.13 -3.04 1.69
C GLU A 5 -0.93 -1.81 1.26
N ALA A 6 -1.11 -0.88 2.19
CA ALA A 6 -1.85 0.34 1.91
C ALA A 6 -0.98 1.37 1.18
N LEU A 7 0.28 1.03 0.98
CA LEU A 7 1.20 1.92 0.29
C LEU A 7 1.32 1.53 -1.17
N VAL A 8 1.23 0.24 -1.44
CA VAL A 8 1.31 -0.28 -2.80
C VAL A 8 0.03 0.07 -3.56
N ARG A 9 -1.07 0.17 -2.83
CA ARG A 9 -2.35 0.51 -3.43
C ARG A 9 -2.31 1.90 -4.07
N GLN A 10 -1.50 2.79 -3.51
CA GLN A 10 -1.37 4.14 -4.01
C GLN A 10 0.02 4.40 -4.54
N GLY A 11 0.99 4.40 -3.64
CA GLY A 11 2.36 4.66 -4.03
C GLY A 11 2.82 3.85 -5.23
N LEU A 12 2.61 2.53 -5.17
CA LEU A 12 3.00 1.65 -6.25
C LEU A 12 1.97 1.67 -7.37
N ALA A 13 0.71 1.89 -7.01
CA ALA A 13 -0.37 1.93 -7.99
C ALA A 13 -0.51 3.33 -8.59
N LYS A 1 -5.08 -5.05 8.52
CA LYS A 1 -4.27 -5.92 7.63
C LYS A 1 -2.78 -5.60 7.74
N MET A 2 -2.39 -4.45 7.20
CA MET A 2 -1.00 -4.02 7.24
C MET A 2 -0.87 -2.56 6.80
N VAL A 3 0.37 -2.07 6.78
CA VAL A 3 0.63 -0.70 6.38
C VAL A 3 1.30 -0.64 5.01
N ASN A 4 2.10 -1.65 4.72
CA ASN A 4 2.80 -1.71 3.44
C ASN A 4 1.84 -1.96 2.30
N GLU A 5 0.77 -2.71 2.58
CA GLU A 5 -0.24 -3.03 1.57
C GLU A 5 -1.01 -1.77 1.17
N ALA A 6 -1.16 -0.84 2.10
CA ALA A 6 -1.86 0.41 1.84
C ALA A 6 -0.98 1.41 1.11
N LEU A 7 0.27 1.03 0.87
CA LEU A 7 1.20 1.91 0.17
C LEU A 7 1.28 1.51 -1.30
N VAL A 8 1.17 0.22 -1.56
CA VAL A 8 1.20 -0.29 -2.92
C VAL A 8 -0.07 0.09 -3.66
N ARG A 9 -1.17 0.22 -2.92
CA ARG A 9 -2.45 0.58 -3.48
C ARG A 9 -2.40 1.96 -4.13
N GLN A 10 -1.50 2.81 -3.63
CA GLN A 10 -1.36 4.16 -4.16
C GLN A 10 0.08 4.46 -4.56
N GLY A 11 0.94 4.50 -3.56
CA GLY A 11 2.33 4.80 -3.80
C GLY A 11 2.93 4.00 -4.94
N LEU A 12 2.60 2.71 -5.01
CA LEU A 12 3.11 1.84 -6.05
C LEU A 12 2.11 1.72 -7.20
N ALA A 13 0.82 1.82 -6.87
CA ALA A 13 -0.23 1.72 -7.88
C ALA A 13 -0.16 2.89 -8.85
N LYS A 1 -5.16 -5.52 8.58
CA LYS A 1 -4.48 -5.03 7.36
C LYS A 1 -3.00 -4.75 7.62
N MET A 2 -2.37 -4.00 6.72
CA MET A 2 -0.96 -3.67 6.86
C MET A 2 -0.62 -2.40 6.07
N VAL A 3 0.18 -1.53 6.67
CA VAL A 3 0.58 -0.29 6.02
C VAL A 3 1.39 -0.57 4.77
N ASN A 4 2.13 -1.68 4.76
CA ASN A 4 2.95 -2.05 3.62
C ASN A 4 2.08 -2.38 2.41
N GLU A 5 0.89 -2.91 2.68
CA GLU A 5 -0.04 -3.28 1.61
C GLU A 5 -0.88 -2.08 1.19
N ALA A 6 -1.16 -1.19 2.14
CA ALA A 6 -1.95 0.00 1.87
C ALA A 6 -1.12 1.10 1.22
N LEU A 7 0.18 0.84 1.04
CA LEU A 7 1.08 1.79 0.43
C LEU A 7 1.26 1.47 -1.06
N VAL A 8 1.25 0.17 -1.36
CA VAL A 8 1.39 -0.27 -2.74
C VAL A 8 0.14 0.05 -3.54
N ARG A 9 -1.00 0.05 -2.85
CA ARG A 9 -2.27 0.34 -3.47
C ARG A 9 -2.29 1.75 -4.07
N GLN A 10 -1.53 2.65 -3.45
CA GLN A 10 -1.46 4.03 -3.91
C GLN A 10 -0.07 4.37 -4.40
N GLY A 11 0.88 4.37 -3.47
CA GLY A 11 2.25 4.71 -3.81
C GLY A 11 2.75 3.97 -5.03
N LEU A 12 2.62 2.65 -5.02
CA LEU A 12 3.08 1.83 -6.14
C LEU A 12 2.08 1.85 -7.29
N ALA A 13 0.80 1.99 -6.94
CA ALA A 13 -0.26 2.03 -7.94
C ALA A 13 -0.45 3.45 -8.49
N LYS A 1 -5.67 -4.73 7.20
CA LYS A 1 -4.87 -3.87 6.29
C LYS A 1 -3.45 -3.66 6.82
N MET A 2 -2.47 -3.83 5.96
CA MET A 2 -1.08 -3.66 6.33
C MET A 2 -0.53 -2.33 5.83
N VAL A 3 0.33 -1.71 6.63
CA VAL A 3 0.93 -0.43 6.27
C VAL A 3 1.79 -0.56 5.01
N ASN A 4 2.38 -1.73 4.82
CA ASN A 4 3.23 -1.98 3.67
C ASN A 4 2.39 -2.34 2.45
N GLU A 5 1.26 -3.00 2.69
CA GLU A 5 0.37 -3.41 1.61
C GLU A 5 -0.57 -2.27 1.21
N ALA A 6 -0.90 -1.42 2.19
CA ALA A 6 -1.78 -0.29 1.92
C ALA A 6 -1.02 0.89 1.30
N LEU A 7 0.28 0.72 1.13
CA LEU A 7 1.10 1.75 0.53
C LEU A 7 1.33 1.47 -0.95
N VAL A 8 1.40 0.19 -1.28
CA VAL A 8 1.59 -0.23 -2.66
C VAL A 8 0.32 0.00 -3.46
N ARG A 9 -0.82 -0.10 -2.78
CA ARG A 9 -2.11 0.09 -3.41
C ARG A 9 -2.22 1.51 -4.00
N GLN A 10 -1.53 2.46 -3.37
CA GLN A 10 -1.56 3.84 -3.83
C GLN A 10 -0.18 4.32 -4.23
N GLY A 11 0.70 4.40 -3.24
CA GLY A 11 2.05 4.87 -3.48
C GLY A 11 2.73 4.17 -4.64
N LEU A 12 2.29 2.94 -4.92
CA LEU A 12 2.88 2.16 -6.01
C LEU A 12 1.86 1.92 -7.12
N ALA A 13 0.60 1.78 -6.74
CA ALA A 13 -0.47 1.54 -7.70
C ALA A 13 -1.72 2.35 -7.35
#